data_6CN8
#
_entry.id   6CN8
#
_cell.length_a   109.758
_cell.length_b   109.758
_cell.length_c   109.758
_cell.angle_alpha   90.00
_cell.angle_beta   90.00
_cell.angle_gamma   90.00
#
_symmetry.space_group_name_H-M   'P 41 3 2'
#
loop_
_entity.id
_entity.type
_entity.pdbx_description
1 polymer 'ATP-dependent Clp protease ATP-binding subunit ClpC1'
2 polymer 'Rufomycin I'
3 non-polymer 'PHOSPHATE ION'
4 non-polymer 'CHLORIDE ION'
5 non-polymer 'SODIUM ION'
6 water water
#
loop_
_entity_poly.entity_id
_entity_poly.type
_entity_poly.pdbx_seq_one_letter_code
_entity_poly.pdbx_strand_id
1 'polypeptide(L)'
;MFERFTDRARRVVVLAQEEARMLNHNYIGTEHILLGLIHEGEGVAAKSLESLGISLEGVRSQVEEIIGQGQQAPSGHIPF
TPRAKKVLELSLREALQLGHNYIGTEHILLGLIREGEGVAAQVLVKLGAELTRVRQQVIQLLSGYKLAAALEHHHHHH
;
A
2 'polypeptide(L)' (F7P)(MLE)(NIY)A(F7S)L(F7V) B
#
# COMPACT_ATOMS: atom_id res chain seq x y z
N MET A 1 9.43 11.33 1.43
CA MET A 1 8.92 12.39 2.36
C MET A 1 7.47 12.74 2.02
N PHE A 2 6.63 12.97 3.04
CA PHE A 2 5.21 13.23 2.80
C PHE A 2 4.97 14.50 2.00
N GLU A 3 5.89 15.46 2.05
CA GLU A 3 5.75 16.67 1.25
C GLU A 3 5.65 16.36 -0.23
N ARG A 4 6.27 15.26 -0.67
CA ARG A 4 6.24 14.89 -2.09
C ARG A 4 5.10 13.95 -2.44
N PHE A 5 4.35 13.47 -1.46
CA PHE A 5 3.24 12.57 -1.74
C PHE A 5 2.14 13.34 -2.46
N THR A 6 1.52 12.71 -3.44
CA THR A 6 0.30 13.26 -4.02
C THR A 6 -0.81 13.27 -2.98
N ASP A 7 -1.88 13.99 -3.27
CA ASP A 7 -3.04 13.98 -2.38
C ASP A 7 -3.57 12.56 -2.20
N ARG A 8 -3.60 11.78 -3.27
CA ARG A 8 -4.13 10.42 -3.19
C ARG A 8 -3.24 9.54 -2.32
N ALA A 9 -1.92 9.70 -2.46
CA ALA A 9 -0.99 8.93 -1.64
C ALA A 9 -1.07 9.33 -0.17
N ARG A 10 -1.30 10.61 0.14
CA ARG A 10 -1.56 10.99 1.52
C ARG A 10 -2.82 10.31 2.05
N ARG A 11 -3.86 10.26 1.22
CA ARG A 11 -5.09 9.58 1.62
C ARG A 11 -4.84 8.11 1.93
N VAL A 12 -3.96 7.45 1.18
CA VAL A 12 -3.61 6.06 1.48
C VAL A 12 -3.14 5.92 2.92
N VAL A 13 -2.26 6.82 3.35
CA VAL A 13 -1.74 6.77 4.72
C VAL A 13 -2.85 6.99 5.74
N VAL A 14 -3.70 7.99 5.52
CA VAL A 14 -4.81 8.26 6.41
C VAL A 14 -5.73 7.05 6.50
N LEU A 15 -6.01 6.42 5.35
CA LEU A 15 -6.86 5.23 5.36
C LEU A 15 -6.17 4.04 6.01
N ALA A 16 -4.85 3.91 5.84
CA ALA A 16 -4.14 2.83 6.52
C ALA A 16 -4.33 2.94 8.03
N GLN A 17 -4.27 4.15 8.57
CA GLN A 17 -4.48 4.34 9.99
C GLN A 17 -5.90 3.97 10.39
N GLU A 18 -6.90 4.38 9.60
CA GLU A 18 -8.28 3.99 9.89
C GLU A 18 -8.45 2.47 9.87
N GLU A 19 -7.78 1.79 8.94
CA GLU A 19 -7.90 0.34 8.84
C GLU A 19 -7.30 -0.35 10.05
N ALA A 20 -6.15 0.13 10.52
CA ALA A 20 -5.58 -0.41 11.75
C ALA A 20 -6.53 -0.18 12.93
N ARG A 21 -7.09 1.02 13.02
CA ARG A 21 -7.99 1.33 14.12
C ARG A 21 -9.20 0.40 14.13
N MET A 22 -9.79 0.13 12.95
CA MET A 22 -10.99 -0.69 12.91
C MET A 22 -10.69 -2.14 13.30
N LEU A 23 -9.45 -2.60 13.10
CA LEU A 23 -9.00 -3.92 13.52
C LEU A 23 -8.49 -3.94 14.95
N ASN A 24 -8.54 -2.81 15.65
CA ASN A 24 -8.03 -2.71 17.01
C ASN A 24 -6.54 -3.05 17.08
N HIS A 25 -5.78 -2.58 16.10
CA HIS A 25 -4.35 -2.83 16.05
C HIS A 25 -3.60 -1.58 16.46
N ASN A 26 -2.52 -1.76 17.23
CA ASN A 26 -1.85 -0.62 17.86
C ASN A 26 -0.63 -0.13 17.07
N TYR A 27 -0.32 -0.75 15.95
CA TYR A 27 0.65 -0.25 14.99
C TYR A 27 0.07 -0.41 13.59
N ILE A 28 0.44 0.52 12.70
CA ILE A 28 0.13 0.43 11.29
C ILE A 28 1.26 -0.35 10.64
N GLY A 29 0.98 -1.58 10.21
CA GLY A 29 1.95 -2.39 9.53
C GLY A 29 1.75 -2.37 8.04
N THR A 30 2.60 -3.11 7.32
CA THR A 30 2.46 -3.19 5.88
C THR A 30 1.08 -3.67 5.49
N GLU A 31 0.46 -4.55 6.31
CA GLU A 31 -0.88 -5.04 6.01
C GLU A 31 -1.90 -3.91 5.98
N HIS A 32 -1.72 -2.91 6.84
CA HIS A 32 -2.61 -1.75 6.86
C HIS A 32 -2.32 -0.80 5.72
N ILE A 33 -1.05 -0.66 5.35
CA ILE A 33 -0.73 0.09 4.13
C ILE A 33 -1.45 -0.53 2.94
N LEU A 34 -1.41 -1.87 2.84
CA LEU A 34 -2.09 -2.57 1.77
C LEU A 34 -3.58 -2.27 1.80
N LEU A 35 -4.19 -2.36 2.99
CA LEU A 35 -5.61 -2.04 3.09
C LEU A 35 -5.89 -0.60 2.66
N GLY A 36 -5.03 0.34 3.04
CA GLY A 36 -5.23 1.73 2.62
C GLY A 36 -5.13 1.91 1.12
N LEU A 37 -4.19 1.19 0.48
CA LEU A 37 -4.06 1.26 -0.97
C LEU A 37 -5.35 0.81 -1.67
N ILE A 38 -5.93 -0.28 -1.17
CA ILE A 38 -7.17 -0.81 -1.75
C ILE A 38 -8.32 0.13 -1.44
N HIS A 39 -8.41 0.59 -0.20
CA HIS A 39 -9.53 1.42 0.23
C HIS A 39 -9.55 2.74 -0.56
N GLU A 40 -8.37 3.28 -0.87
CA GLU A 40 -8.29 4.51 -1.66
C GLU A 40 -9.05 4.34 -2.97
N GLY A 41 -8.88 3.21 -3.63
CA GLY A 41 -9.82 2.75 -4.62
C GLY A 41 -9.61 3.20 -6.04
N GLU A 42 -8.89 4.29 -6.29
CA GLU A 42 -8.86 4.87 -7.63
C GLU A 42 -7.48 4.98 -8.26
N GLY A 43 -6.42 4.92 -7.48
CA GLY A 43 -5.09 5.08 -8.03
C GLY A 43 -4.55 3.81 -8.71
N VAL A 44 -3.33 3.97 -9.23
CA VAL A 44 -2.63 2.86 -9.89
C VAL A 44 -2.55 1.63 -8.97
N ALA A 45 -2.26 1.85 -7.69
CA ALA A 45 -2.13 0.71 -6.79
C ALA A 45 -3.44 -0.05 -6.66
N ALA A 46 -4.53 0.66 -6.40
CA ALA A 46 -5.83 -0.01 -6.27
C ALA A 46 -6.17 -0.76 -7.55
N LYS A 47 -5.94 -0.13 -8.71
CA LYS A 47 -6.29 -0.77 -9.98
C LYS A 47 -5.47 -2.03 -10.19
N SER A 48 -4.16 -1.96 -9.88
CA SER A 48 -3.31 -3.13 -10.07
CA SER A 48 -3.29 -3.11 -10.05
C SER A 48 -3.74 -4.28 -9.18
N LEU A 49 -4.08 -3.99 -7.92
CA LEU A 49 -4.50 -5.05 -7.01
C LEU A 49 -5.84 -5.65 -7.43
N GLU A 50 -6.79 -4.82 -7.82
CA GLU A 50 -8.09 -5.31 -8.29
C GLU A 50 -7.90 -6.22 -9.50
N SER A 51 -6.98 -5.88 -10.41
CA SER A 51 -6.76 -6.67 -11.61
C SER A 51 -6.21 -8.06 -11.30
N LEU A 52 -5.65 -8.27 -10.12
CA LEU A 52 -5.16 -9.58 -9.72
C LEU A 52 -6.13 -10.29 -8.80
N GLY A 53 -7.35 -9.76 -8.62
CA GLY A 53 -8.37 -10.43 -7.86
C GLY A 53 -8.28 -10.23 -6.36
N ILE A 54 -7.61 -9.17 -5.92
CA ILE A 54 -7.47 -8.86 -4.50
C ILE A 54 -8.57 -7.88 -4.11
N SER A 55 -9.27 -8.18 -3.02
CA SER A 55 -10.37 -7.34 -2.56
C SER A 55 -10.13 -6.83 -1.14
N LEU A 56 -10.78 -5.72 -0.83
CA LEU A 56 -10.71 -5.15 0.51
C LEU A 56 -11.17 -6.16 1.56
N GLU A 57 -12.30 -6.84 1.31
CA GLU A 57 -12.81 -7.73 2.35
C GLU A 57 -11.95 -8.97 2.48
N GLY A 58 -11.36 -9.44 1.37
CA GLY A 58 -10.47 -10.58 1.46
C GLY A 58 -9.22 -10.28 2.26
N VAL A 59 -8.61 -9.11 2.03
CA VAL A 59 -7.44 -8.74 2.81
C VAL A 59 -7.80 -8.55 4.29
N ARG A 60 -8.93 -7.89 4.57
CA ARG A 60 -9.35 -7.73 5.96
C ARG A 60 -9.52 -9.07 6.63
N SER A 61 -10.17 -10.01 5.95
CA SER A 61 -10.38 -11.34 6.53
C SER A 61 -9.05 -12.03 6.80
N GLN A 62 -8.12 -11.94 5.86
CA GLN A 62 -6.83 -12.60 6.05
C GLN A 62 -6.06 -11.97 7.21
N VAL A 63 -6.10 -10.64 7.33
CA VAL A 63 -5.42 -10.01 8.45
C VAL A 63 -6.01 -10.47 9.77
N GLU A 64 -7.33 -10.57 9.85
CA GLU A 64 -7.97 -11.04 11.07
C GLU A 64 -7.58 -12.48 11.37
N GLU A 65 -7.42 -13.30 10.34
CA GLU A 65 -7.05 -14.70 10.52
C GLU A 65 -5.56 -14.90 10.82
N ILE A 66 -4.71 -13.93 10.46
CA ILE A 66 -3.28 -14.07 10.62
C ILE A 66 -2.78 -13.37 11.88
N ILE A 67 -3.28 -12.17 12.12
CA ILE A 67 -2.89 -11.36 13.27
C ILE A 67 -3.90 -11.49 14.39
N GLY A 68 -5.17 -11.60 14.03
CA GLY A 68 -6.24 -11.56 15.00
C GLY A 68 -6.72 -10.14 15.18
N GLN A 69 -8.02 -9.98 15.33
CA GLN A 69 -8.56 -8.71 15.80
C GLN A 69 -7.99 -8.40 17.18
N GLY A 70 -7.60 -7.16 17.39
CA GLY A 70 -7.17 -6.71 18.69
C GLY A 70 -8.36 -6.56 19.63
N GLN A 71 -8.06 -6.08 20.83
CA GLN A 71 -9.04 -6.09 21.91
C GLN A 71 -9.69 -4.74 22.19
N GLN A 72 -8.95 -3.63 22.08
CA GLN A 72 -9.55 -2.31 22.14
C GLN A 72 -9.05 -1.47 20.98
N ALA A 73 -9.92 -0.61 20.45
CA ALA A 73 -9.50 0.28 19.37
C ALA A 73 -8.61 1.36 19.93
N PRO A 74 -7.44 1.62 19.33
CA PRO A 74 -6.57 2.68 19.86
C PRO A 74 -7.15 4.06 19.55
N SER A 75 -6.63 5.04 20.30
CA SER A 75 -7.01 6.43 20.17
CA SER A 75 -7.01 6.43 20.17
C SER A 75 -5.79 7.23 19.71
N GLY A 76 -6.06 8.32 19.02
CA GLY A 76 -4.97 9.16 18.56
C GLY A 76 -4.27 8.55 17.35
N HIS A 77 -3.08 9.07 17.06
CA HIS A 77 -2.30 8.53 15.95
C HIS A 77 -1.81 7.12 16.27
N ILE A 78 -1.69 6.31 15.25
CA ILE A 78 -1.23 4.92 15.38
C ILE A 78 0.15 4.84 14.76
N PRO A 79 1.20 4.51 15.53
CA PRO A 79 2.56 4.46 14.97
C PRO A 79 2.75 3.38 13.92
N PHE A 80 3.63 3.67 12.96
CA PHE A 80 4.05 2.68 11.97
C PHE A 80 4.94 1.59 12.59
N THR A 81 4.77 0.35 12.13
CA THR A 81 5.75 -0.68 12.44
C THR A 81 7.08 -0.30 11.80
N PRO A 82 8.18 -0.92 12.25
CA PRO A 82 9.46 -0.68 11.57
C PRO A 82 9.38 -1.02 10.09
N ARG A 83 8.66 -2.09 9.73
CA ARG A 83 8.57 -2.51 8.34
C ARG A 83 7.74 -1.52 7.52
N ALA A 84 6.67 -0.99 8.10
CA ALA A 84 5.89 0.03 7.39
C ALA A 84 6.74 1.26 7.15
N LYS A 85 7.57 1.66 8.12
CA LYS A 85 8.50 2.75 7.88
C LYS A 85 9.42 2.43 6.73
N LYS A 86 9.99 1.23 6.71
CA LYS A 86 10.86 0.82 5.61
C LYS A 86 10.15 0.92 4.27
N VAL A 87 8.90 0.46 4.21
CA VAL A 87 8.11 0.53 2.99
C VAL A 87 7.93 1.97 2.53
N LEU A 88 7.65 2.89 3.46
CA LEU A 88 7.47 4.28 3.07
C LEU A 88 8.79 4.92 2.64
N GLU A 89 9.89 4.58 3.30
CA GLU A 89 11.20 5.00 2.79
C GLU A 89 11.47 4.43 1.41
N LEU A 90 11.12 3.16 1.19
CA LEU A 90 11.32 2.57 -0.14
C LEU A 90 10.41 3.20 -1.20
N SER A 91 9.27 3.77 -0.80
CA SER A 91 8.43 4.45 -1.80
CA SER A 91 8.43 4.44 -1.79
C SER A 91 9.17 5.63 -2.38
N LEU A 92 9.89 6.36 -1.55
CA LEU A 92 10.70 7.47 -2.00
C LEU A 92 11.84 6.98 -2.88
N ARG A 93 12.51 5.90 -2.48
CA ARG A 93 13.58 5.33 -3.28
C ARG A 93 13.08 4.87 -4.65
N GLU A 94 11.90 4.24 -4.70
CA GLU A 94 11.37 3.76 -5.96
C GLU A 94 11.11 4.93 -6.90
N ALA A 95 10.55 6.03 -6.38
CA ALA A 95 10.32 7.20 -7.21
C ALA A 95 11.62 7.77 -7.74
N LEU A 96 12.62 7.90 -6.86
CA LEU A 96 13.91 8.42 -7.27
C LEU A 96 14.55 7.55 -8.34
N GLN A 97 14.49 6.22 -8.18
CA GLN A 97 15.13 5.33 -9.14
C GLN A 97 14.47 5.41 -10.51
N LEU A 98 13.16 5.70 -10.54
CA LEU A 98 12.44 5.87 -11.79
C LEU A 98 12.61 7.27 -12.38
N GLY A 99 13.22 8.19 -11.63
CA GLY A 99 13.40 9.55 -12.08
C GLY A 99 12.24 10.48 -11.81
N HIS A 100 11.31 10.08 -10.95
CA HIS A 100 10.09 10.82 -10.68
C HIS A 100 10.31 11.82 -9.54
N ASN A 101 9.50 12.88 -9.58
CA ASN A 101 9.59 13.98 -8.62
C ASN A 101 8.46 13.97 -7.60
N TYR A 102 7.58 12.99 -7.67
CA TYR A 102 6.41 12.85 -6.82
C TYR A 102 6.40 11.43 -6.27
N ILE A 103 5.61 11.21 -5.23
CA ILE A 103 5.35 9.88 -4.70
C ILE A 103 3.84 9.65 -4.77
N GLY A 104 3.44 8.68 -5.57
CA GLY A 104 2.04 8.32 -5.74
C GLY A 104 1.73 6.95 -5.17
N THR A 105 0.46 6.54 -5.32
CA THR A 105 0.08 5.23 -4.82
C THR A 105 0.95 4.14 -5.44
N GLU A 106 1.33 4.33 -6.70
CA GLU A 106 2.18 3.36 -7.39
C GLU A 106 3.47 3.12 -6.62
N HIS A 107 4.09 4.18 -6.11
CA HIS A 107 5.39 4.04 -5.47
C HIS A 107 5.26 3.41 -4.10
N ILE A 108 4.17 3.68 -3.39
CA ILE A 108 3.94 3.00 -2.12
C ILE A 108 3.84 1.50 -2.35
N LEU A 109 3.08 1.09 -3.36
CA LEU A 109 2.95 -0.34 -3.63
C LEU A 109 4.27 -0.93 -4.12
N LEU A 110 5.01 -0.20 -4.96
CA LEU A 110 6.32 -0.69 -5.38
C LEU A 110 7.26 -0.86 -4.18
N GLY A 111 7.20 0.06 -3.23
CA GLY A 111 8.04 -0.07 -2.04
C GLY A 111 7.63 -1.25 -1.19
N LEU A 112 6.32 -1.49 -1.05
CA LEU A 112 5.83 -2.65 -0.35
C LEU A 112 6.37 -3.94 -0.98
N ILE A 113 6.29 -4.04 -2.30
CA ILE A 113 6.80 -5.21 -3.01
C ILE A 113 8.29 -5.35 -2.83
N ARG A 114 9.02 -4.24 -2.93
CA ARG A 114 10.47 -4.26 -2.80
C ARG A 114 10.91 -4.79 -1.43
N GLU A 115 10.21 -4.38 -0.36
CA GLU A 115 10.55 -4.91 0.96
C GLU A 115 10.24 -6.40 1.03
N GLY A 116 9.03 -6.79 0.61
CA GLY A 116 8.68 -8.14 0.20
C GLY A 116 8.57 -9.19 1.27
N GLU A 117 8.55 -8.84 2.57
CA GLU A 117 8.76 -9.83 3.62
C GLU A 117 7.79 -9.74 4.80
N GLY A 118 6.82 -8.84 4.79
CA GLY A 118 5.92 -8.66 5.91
C GLY A 118 4.54 -9.27 5.72
N VAL A 119 3.61 -8.76 6.52
CA VAL A 119 2.27 -9.33 6.53
C VAL A 119 1.54 -9.05 5.22
N ALA A 120 1.66 -7.84 4.67
CA ALA A 120 1.04 -7.59 3.37
C ALA A 120 1.54 -8.56 2.32
N ALA A 121 2.86 -8.79 2.28
CA ALA A 121 3.42 -9.70 1.30
C ALA A 121 2.87 -11.11 1.51
N GLN A 122 2.78 -11.55 2.77
CA GLN A 122 2.22 -12.85 3.09
C GLN A 122 0.79 -12.96 2.60
N VAL A 123 -0.01 -11.94 2.89
CA VAL A 123 -1.43 -11.95 2.50
C VAL A 123 -1.57 -11.95 0.98
N LEU A 124 -0.82 -11.10 0.29
CA LEU A 124 -0.93 -11.04 -1.16
C LEU A 124 -0.68 -12.40 -1.79
N VAL A 125 0.39 -13.08 -1.37
CA VAL A 125 0.71 -14.37 -1.98
C VAL A 125 -0.39 -15.36 -1.66
N LYS A 126 -0.85 -15.38 -0.40
CA LYS A 126 -1.88 -16.33 -0.01
C LYS A 126 -3.15 -16.13 -0.84
N LEU A 127 -3.48 -14.87 -1.17
CA LEU A 127 -4.66 -14.52 -1.92
C LEU A 127 -4.45 -14.53 -3.43
N GLY A 128 -3.28 -14.95 -3.90
CA GLY A 128 -3.06 -15.21 -5.31
C GLY A 128 -2.47 -14.07 -6.13
N ALA A 129 -1.82 -13.11 -5.48
CA ALA A 129 -1.15 -12.02 -6.19
C ALA A 129 0.34 -12.10 -5.88
N GLU A 130 1.08 -12.79 -6.74
CA GLU A 130 2.51 -12.86 -6.56
C GLU A 130 3.11 -11.46 -6.62
N LEU A 131 4.12 -11.23 -5.80
CA LEU A 131 4.71 -9.89 -5.69
C LEU A 131 5.24 -9.40 -7.04
N THR A 132 5.92 -10.28 -7.79
CA THR A 132 6.41 -9.86 -9.10
CA THR A 132 6.42 -9.88 -9.11
C THR A 132 5.27 -9.48 -10.02
N ARG A 133 4.12 -10.15 -9.91
CA ARG A 133 2.98 -9.79 -10.75
C ARG A 133 2.36 -8.46 -10.33
N VAL A 134 2.30 -8.20 -9.03
CA VAL A 134 1.81 -6.90 -8.59
C VAL A 134 2.68 -5.80 -9.18
N ARG A 135 4.00 -5.98 -9.12
CA ARG A 135 4.91 -4.98 -9.66
C ARG A 135 4.67 -4.78 -11.14
N GLN A 136 4.60 -5.88 -11.90
CA GLN A 136 4.34 -5.81 -13.33
C GLN A 136 3.08 -5.02 -13.63
N GLN A 137 1.99 -5.28 -12.89
CA GLN A 137 0.75 -4.57 -13.17
C GLN A 137 0.90 -3.08 -12.95
N VAL A 138 1.60 -2.69 -11.88
CA VAL A 138 1.85 -1.29 -11.61
C VAL A 138 2.63 -0.64 -12.74
N ILE A 139 3.74 -1.26 -13.16
CA ILE A 139 4.62 -0.71 -14.17
CA ILE A 139 4.55 -0.58 -14.14
C ILE A 139 3.88 -0.59 -15.50
N GLN A 140 3.00 -1.56 -15.79
CA GLN A 140 2.26 -1.52 -17.04
C GLN A 140 1.31 -0.32 -17.06
N LEU A 141 0.65 -0.04 -15.93
CA LEU A 141 -0.19 1.16 -15.87
C LEU A 141 0.63 2.44 -15.99
N LEU A 142 1.80 2.49 -15.36
CA LEU A 142 2.66 3.67 -15.50
C LEU A 142 3.07 3.89 -16.94
N SER A 143 3.40 2.82 -17.66
CA SER A 143 3.85 2.91 -19.05
C SER A 143 2.71 3.26 -19.99
N GLY A 144 1.48 3.02 -19.57
CA GLY A 144 0.30 3.20 -20.37
C GLY A 144 -0.37 4.52 -20.10
N TYR A 145 -1.50 4.50 -19.39
CA TYR A 145 -2.31 5.72 -19.32
C TYR A 145 -1.62 6.80 -18.49
N LYS A 146 -0.72 6.45 -17.57
CA LYS A 146 -0.05 7.51 -16.82
C LYS A 146 0.91 8.29 -17.71
N LEU A 147 1.69 7.58 -18.53
CA LEU A 147 2.55 8.24 -19.50
C LEU A 147 1.72 9.00 -20.52
N ALA A 148 0.61 8.40 -20.98
CA ALA A 148 -0.27 9.11 -21.91
C ALA A 148 -0.76 10.41 -21.30
N ALA A 149 -1.17 10.38 -20.03
CA ALA A 149 -1.68 11.60 -19.39
C ALA A 149 -0.58 12.66 -19.29
N ALA A 150 0.64 12.25 -19.00
CA ALA A 150 1.73 13.21 -18.86
C ALA A 150 2.08 13.85 -20.18
N LEU A 151 1.94 13.10 -21.28
CA LEU A 151 2.29 13.64 -22.60
C LEU A 151 1.24 14.60 -23.13
N GLU A 152 0.00 14.53 -22.62
CA GLU A 152 -1.06 15.41 -23.09
C GLU A 152 -1.00 16.75 -22.37
N ALA B 4 4.15 8.35 12.51
CA ALA B 4 2.73 7.95 12.52
C ALA B 4 1.95 8.88 11.61
N LEU B 6 0.63 11.44 9.06
CA LEU B 6 1.46 12.20 8.11
C LEU B 6 2.54 12.97 8.82
#